data_4EQ5
#
_entry.id   4EQ5
#
_cell.length_a   58.590
_cell.length_b   87.540
_cell.length_c   126.300
_cell.angle_alpha   90.00
_cell.angle_beta   90.00
_cell.angle_gamma   90.00
#
_symmetry.space_group_name_H-M   'P 21 21 21'
#
loop_
_entity.id
_entity.type
_entity.pdbx_description
1 polymer 'DNA ligase'
2 non-polymer 'ADENOSINE MONOPHOSPHATE'
3 water water
#
_entity_poly.entity_id   1
_entity_poly.type   'polypeptide(L)'
_entity_poly.pdbx_seq_one_letter_code
;MRGSHHHHHHGSLYKELVELYKRLEKTTLKTLKTKFVSDFLKSVEKPELLEVIPYLILGKVFPDWDERELGIGEKLLIKA
VSMATGINSEEIENSVRDTGDLGESIALALNKRKQKSFFSQPLTIERVYNTLVKIAEASGAGSQDRKLKYLANLFMDASP
DEGKYLARTVLGIMRTGVAEGLLRDALADAFKVRVELVERAYMLTSDFGFVAKVAKLEGDEGLAKVKIQVGKPIKPMLAQ
MAANVREALVEMGGEAEFEIKYDGARVQVHKNGNKVLIYSRRLENVTKSIPEVVERVKEALKPEKVIVEGELVAVEETGR
PRPFQYVLRRFRRKYNIEEMIEKIPLELNLFDILYVDGQNMIDTPFMERRKVLESVVNSNEWIKSAENLITKSPEEAEAF
YHKALDLGHEGLMAKRLDSTYEPGNRGKKWLKIKPTMENLDLVVLGAEWGEGRRSGVLSSFLLGAYDPVKGDFVPVGKVG
SGFTDEDLVEFTKMLKPLIKKEHGKEVELEPKVVIEVAYQEIQKSPKYESGFALRFPRYIALREDKGPEDADTVQRLAEL
YQFQERLKGGR
;
_entity_poly.pdbx_strand_id   A
#
loop_
_chem_comp.id
_chem_comp.type
_chem_comp.name
_chem_comp.formula
AMP non-polymer 'ADENOSINE MONOPHOSPHATE' 'C10 H14 N5 O7 P'
#
# COMPACT_ATOMS: atom_id res chain seq x y z
N SER A 12 30.71 -7.57 5.05
CA SER A 12 29.62 -8.31 4.41
C SER A 12 29.53 -8.00 2.91
N LEU A 13 29.39 -9.05 2.09
CA LEU A 13 29.34 -8.93 0.63
C LEU A 13 28.12 -9.63 0.02
N TYR A 14 28.07 -9.67 -1.32
CA TYR A 14 26.89 -10.17 -2.04
C TYR A 14 26.81 -11.69 -2.11
N LYS A 15 27.89 -12.37 -1.73
CA LYS A 15 27.90 -13.82 -1.77
C LYS A 15 27.10 -14.38 -0.59
N GLU A 16 27.19 -13.70 0.53
CA GLU A 16 26.45 -14.08 1.73
C GLU A 16 24.96 -13.92 1.50
N LEU A 17 24.58 -12.77 0.93
CA LEU A 17 23.19 -12.49 0.59
C LEU A 17 22.71 -13.43 -0.50
N VAL A 18 23.62 -13.85 -1.37
CA VAL A 18 23.28 -14.81 -2.40
C VAL A 18 22.95 -16.14 -1.72
N GLU A 19 23.77 -16.51 -0.74
CA GLU A 19 23.58 -17.72 0.05
C GLU A 19 22.25 -17.71 0.79
N LEU A 20 21.82 -16.52 1.24
CA LEU A 20 20.49 -16.37 1.83
C LEU A 20 19.37 -16.53 0.79
N TYR A 21 19.57 -15.95 -0.38
CA TYR A 21 18.64 -16.11 -1.48
C TYR A 21 18.45 -17.60 -1.79
N LYS A 22 19.55 -18.36 -1.75
CA LYS A 22 19.47 -19.79 -2.04
C LYS A 22 18.80 -20.57 -0.90
N ARG A 23 19.24 -20.32 0.33
CA ARG A 23 18.62 -20.94 1.50
C ARG A 23 17.10 -20.75 1.48
N LEU A 24 16.66 -19.56 1.08
CA LEU A 24 15.23 -19.26 1.01
C LEU A 24 14.54 -19.83 -0.23
N GLU A 25 15.33 -20.04 -1.28
CA GLU A 25 14.83 -20.61 -2.51
C GLU A 25 14.19 -21.98 -2.26
N LYS A 26 14.85 -22.77 -1.42
CA LYS A 26 14.51 -24.19 -1.28
C LYS A 26 13.22 -24.52 -0.49
N THR A 27 12.78 -23.60 0.36
CA THR A 27 11.66 -23.89 1.26
C THR A 27 10.41 -23.05 1.02
N THR A 28 9.25 -23.65 1.28
CA THR A 28 7.96 -22.96 1.30
C THR A 28 7.52 -22.60 2.74
N LEU A 29 8.33 -23.03 3.70
CA LEU A 29 7.87 -23.15 5.09
C LEU A 29 8.25 -21.94 5.90
N LYS A 30 7.25 -21.34 6.55
CA LYS A 30 7.39 -20.01 7.16
C LYS A 30 8.60 -19.79 8.11
N THR A 31 8.57 -20.41 9.28
CA THR A 31 9.61 -20.17 10.27
C THR A 31 11.01 -20.54 9.79
N LEU A 32 11.09 -21.34 8.73
CA LEU A 32 12.38 -21.67 8.17
C LEU A 32 12.96 -20.46 7.47
N LYS A 33 12.15 -19.84 6.61
CA LYS A 33 12.44 -18.55 6.00
C LYS A 33 12.76 -17.46 7.04
N THR A 34 11.87 -17.29 8.01
CA THR A 34 12.10 -16.36 9.11
C THR A 34 13.48 -16.63 9.69
N LYS A 35 13.78 -17.88 9.96
CA LYS A 35 15.03 -18.19 10.60
C LYS A 35 16.24 -17.90 9.69
N PHE A 36 16.09 -18.08 8.38
CA PHE A 36 17.19 -17.84 7.46
C PHE A 36 17.51 -16.37 7.31
N VAL A 37 16.47 -15.57 7.05
CA VAL A 37 16.62 -14.12 6.98
C VAL A 37 17.23 -13.68 8.28
N SER A 38 16.49 -13.90 9.37
CA SER A 38 16.91 -13.44 10.69
C SER A 38 18.36 -13.80 10.95
N ASP A 39 18.75 -15.03 10.62
CA ASP A 39 20.15 -15.40 10.68
C ASP A 39 21.02 -14.40 9.87
N PHE A 40 20.65 -14.12 8.63
CA PHE A 40 21.49 -13.25 7.81
C PHE A 40 21.63 -11.85 8.39
N LEU A 41 20.54 -11.36 8.96
CA LEU A 41 20.55 -10.03 9.55
C LEU A 41 21.46 -10.02 10.77
N LYS A 42 21.36 -11.10 11.57
CA LYS A 42 22.25 -11.31 12.72
C LYS A 42 23.75 -11.36 12.32
N SER A 43 23.98 -11.71 11.04
CA SER A 43 25.33 -11.84 10.45
C SER A 43 25.95 -10.53 9.94
N VAL A 44 25.29 -9.41 10.19
CA VAL A 44 25.74 -8.13 9.65
C VAL A 44 26.13 -7.12 10.75
N GLU A 45 27.32 -6.54 10.62
CA GLU A 45 27.76 -5.36 11.38
C GLU A 45 27.68 -4.14 10.45
N LYS A 46 27.38 -2.95 10.95
CA LYS A 46 26.59 -2.05 10.11
C LYS A 46 27.19 -0.76 9.56
N PRO A 47 28.33 -0.87 8.84
CA PRO A 47 28.81 -0.12 7.67
C PRO A 47 28.05 -0.68 6.45
N GLU A 48 27.55 -1.89 6.67
CA GLU A 48 26.77 -2.70 5.74
C GLU A 48 25.34 -2.31 5.97
N LEU A 49 25.17 -1.10 6.49
CA LEU A 49 24.39 -0.83 7.68
C LEU A 49 23.08 -1.59 7.89
N LEU A 50 22.50 -2.13 6.81
CA LEU A 50 21.13 -2.65 6.80
C LEU A 50 20.13 -1.53 6.53
N GLU A 51 20.63 -0.32 6.27
CA GLU A 51 19.86 0.61 5.49
C GLU A 51 19.54 -0.22 4.24
N VAL A 52 20.50 -0.35 3.34
CA VAL A 52 20.95 -1.65 2.79
C VAL A 52 20.00 -2.85 2.58
N ILE A 53 20.39 -3.92 3.28
CA ILE A 53 19.92 -5.28 3.16
C ILE A 53 18.41 -5.54 3.11
N PRO A 54 17.64 -5.04 4.09
CA PRO A 54 16.23 -5.45 4.16
C PRO A 54 15.52 -5.34 2.83
N TYR A 55 15.76 -4.25 2.11
CA TYR A 55 15.16 -4.11 0.79
C TYR A 55 15.74 -5.11 -0.21
N LEU A 56 16.96 -5.59 0.02
CA LEU A 56 17.52 -6.57 -0.91
C LEU A 56 16.84 -7.89 -0.65
N ILE A 57 16.71 -8.20 0.63
CA ILE A 57 15.99 -9.36 1.08
C ILE A 57 14.60 -9.39 0.46
N LEU A 58 13.86 -8.30 0.62
CA LEU A 58 12.58 -8.12 -0.04
C LEU A 58 12.72 -8.26 -1.55
N GLY A 59 13.91 -7.93 -2.05
CA GLY A 59 14.15 -7.95 -3.49
C GLY A 59 14.01 -6.56 -4.05
N LYS A 60 13.54 -5.63 -3.24
CA LYS A 60 13.43 -4.25 -3.68
C LYS A 60 14.82 -3.66 -3.74
N VAL A 61 14.86 -2.42 -4.19
CA VAL A 61 16.09 -1.70 -4.32
C VAL A 61 16.03 -0.58 -3.29
N PHE A 62 15.01 0.26 -3.48
CA PHE A 62 14.72 1.39 -2.63
C PHE A 62 13.30 1.24 -2.09
N PRO A 63 12.96 1.94 -0.99
CA PRO A 63 11.61 1.92 -0.40
C PRO A 63 10.57 2.30 -1.44
N ASP A 64 9.31 1.95 -1.26
CA ASP A 64 8.35 2.29 -2.30
C ASP A 64 8.18 3.79 -2.41
N TRP A 65 8.47 4.50 -1.34
CA TRP A 65 8.25 5.94 -1.31
C TRP A 65 9.44 6.80 -1.77
N ASP A 66 10.51 6.16 -2.22
CA ASP A 66 11.81 6.82 -2.37
C ASP A 66 11.95 8.00 -3.36
N GLU A 67 11.13 8.02 -4.42
CA GLU A 67 11.24 9.05 -5.46
C GLU A 67 12.48 8.84 -6.34
N ARG A 68 13.33 7.87 -5.97
CA ARG A 68 14.48 7.46 -6.78
C ARG A 68 14.07 6.25 -7.63
N GLU A 69 14.15 6.35 -8.96
CA GLU A 69 13.90 5.17 -9.81
C GLU A 69 14.97 4.91 -10.87
N LEU A 70 15.51 3.70 -10.89
CA LEU A 70 16.37 3.27 -11.97
C LEU A 70 16.03 1.85 -12.40
N GLY A 71 15.67 1.69 -13.66
CA GLY A 71 15.38 0.38 -14.23
C GLY A 71 15.67 0.37 -15.71
N ILE A 72 15.95 -0.81 -16.23
CA ILE A 72 16.43 -0.95 -17.60
C ILE A 72 16.45 -2.41 -18.05
N LEU A 76 15.92 -3.18 -22.76
CA LEU A 76 17.29 -2.72 -22.83
C LEU A 76 18.14 -3.34 -21.73
N LEU A 77 17.54 -4.26 -20.99
CA LEU A 77 18.31 -5.11 -20.09
C LEU A 77 18.86 -6.29 -20.87
N ILE A 78 18.24 -6.56 -22.02
CA ILE A 78 18.72 -7.59 -22.92
C ILE A 78 19.88 -6.98 -23.69
N LYS A 79 19.83 -5.67 -23.86
CA LYS A 79 20.92 -4.93 -24.51
C LYS A 79 22.13 -4.78 -23.58
N ALA A 80 21.90 -4.35 -22.34
CA ALA A 80 22.97 -4.22 -21.36
C ALA A 80 23.59 -5.59 -21.02
N VAL A 81 22.92 -6.65 -21.47
CA VAL A 81 23.30 -8.04 -21.18
C VAL A 81 24.53 -8.61 -21.92
N SER A 82 25.10 -7.88 -22.88
CA SER A 82 26.35 -8.30 -23.54
C SER A 82 27.56 -7.61 -22.91
N THR A 124 31.21 -6.20 -2.98
CA THR A 124 30.39 -6.36 -1.79
C THR A 124 28.99 -5.79 -2.00
N ILE A 125 28.16 -5.89 -0.96
CA ILE A 125 26.81 -5.36 -1.02
C ILE A 125 26.84 -3.85 -1.10
N GLU A 126 27.58 -3.23 -0.17
CA GLU A 126 27.72 -1.77 -0.08
C GLU A 126 28.20 -1.22 -1.40
N ARG A 127 29.08 -1.98 -2.04
CA ARG A 127 29.46 -1.69 -3.40
C ARG A 127 28.22 -1.58 -4.31
N VAL A 128 27.27 -2.51 -4.18
CA VAL A 128 26.13 -2.57 -5.09
C VAL A 128 24.98 -1.56 -4.79
N TYR A 129 24.79 -1.22 -3.51
CA TYR A 129 23.88 -0.14 -3.17
C TYR A 129 24.50 1.15 -3.72
N ASN A 130 25.80 1.32 -3.48
CA ASN A 130 26.52 2.45 -4.05
C ASN A 130 26.28 2.55 -5.55
N THR A 131 26.49 1.44 -6.26
CA THR A 131 26.24 1.36 -7.69
C THR A 131 24.82 1.85 -8.01
N LEU A 132 23.84 1.40 -7.21
CA LEU A 132 22.44 1.75 -7.45
C LEU A 132 22.10 3.24 -7.24
N VAL A 133 22.63 3.85 -6.18
CA VAL A 133 22.41 5.27 -5.92
C VAL A 133 23.06 6.07 -7.03
N LYS A 134 24.24 5.62 -7.42
CA LYS A 134 25.05 6.30 -8.40
C LYS A 134 24.59 6.10 -9.84
N ILE A 135 23.70 5.14 -10.07
CA ILE A 135 23.04 5.07 -11.38
C ILE A 135 21.80 5.95 -11.42
N ALA A 136 20.85 5.66 -10.53
CA ALA A 136 19.62 6.43 -10.45
C ALA A 136 19.86 7.91 -10.23
N GLU A 137 20.34 8.28 -9.05
CA GLU A 137 20.26 9.67 -8.57
C GLU A 137 20.77 10.65 -9.63
N ALA A 138 22.10 10.76 -9.78
CA ALA A 138 22.75 10.95 -11.09
C ALA A 138 21.84 11.64 -12.09
N SER A 139 21.46 12.87 -11.80
CA SER A 139 20.24 13.41 -12.42
C SER A 139 20.35 13.96 -13.85
N GLY A 140 21.53 13.97 -14.48
CA GLY A 140 21.69 14.92 -15.56
C GLY A 140 22.35 14.53 -16.86
N ALA A 141 22.14 15.39 -17.86
CA ALA A 141 21.88 14.99 -19.24
C ALA A 141 22.76 13.91 -19.89
N GLY A 142 24.04 13.84 -19.54
CA GLY A 142 24.99 12.97 -20.24
C GLY A 142 24.69 11.47 -20.30
N SER A 143 23.79 10.97 -19.46
CA SER A 143 23.42 9.56 -19.50
C SER A 143 21.90 9.35 -19.64
N GLN A 144 21.49 8.54 -20.61
CA GLN A 144 20.10 8.12 -20.71
C GLN A 144 19.98 6.59 -20.63
N ASP A 145 20.30 5.92 -21.73
CA ASP A 145 20.56 4.49 -21.69
C ASP A 145 21.76 4.21 -20.81
N ARG A 146 22.95 4.56 -21.33
CA ARG A 146 24.23 4.53 -20.61
C ARG A 146 24.38 3.29 -19.74
N LYS A 147 24.85 3.49 -18.51
CA LYS A 147 24.64 2.52 -17.43
C LYS A 147 25.24 1.14 -17.70
N LEU A 148 25.70 0.92 -18.92
CA LEU A 148 26.29 -0.35 -19.29
C LEU A 148 27.65 -0.39 -18.63
N LYS A 149 28.36 0.73 -18.72
CA LYS A 149 29.63 0.93 -18.01
C LYS A 149 29.38 1.05 -16.51
N TYR A 150 28.24 1.65 -16.14
CA TYR A 150 27.86 1.73 -14.73
C TYR A 150 27.63 0.33 -14.17
N LEU A 151 26.98 -0.51 -14.98
CA LEU A 151 26.72 -1.90 -14.64
C LEU A 151 27.95 -2.78 -14.87
N ALA A 152 28.90 -2.28 -15.66
CA ALA A 152 30.16 -2.98 -15.90
C ALA A 152 31.13 -2.74 -14.74
N ASN A 153 31.03 -1.56 -14.14
CA ASN A 153 31.89 -1.13 -13.04
C ASN A 153 32.01 -2.17 -11.93
N LEU A 154 30.88 -2.72 -11.51
CA LEU A 154 30.89 -3.83 -10.58
C LEU A 154 31.11 -5.19 -11.27
N PHE A 155 30.41 -5.40 -12.39
CA PHE A 155 30.19 -6.75 -12.96
C PHE A 155 31.40 -7.63 -13.30
N MET A 156 32.56 -7.02 -13.54
CA MET A 156 33.72 -7.77 -14.04
C MET A 156 34.08 -8.94 -13.13
N ASP A 157 34.03 -8.71 -11.82
CA ASP A 157 34.33 -9.73 -10.84
C ASP A 157 33.08 -10.45 -10.33
N ALA A 158 31.92 -10.10 -10.86
CA ALA A 158 30.66 -10.71 -10.43
C ALA A 158 30.42 -12.07 -11.08
N SER A 159 30.05 -13.06 -10.26
CA SER A 159 29.83 -14.42 -10.71
C SER A 159 28.51 -14.59 -11.45
N PRO A 160 28.43 -15.56 -12.38
CA PRO A 160 27.19 -15.90 -13.09
C PRO A 160 26.17 -16.43 -12.12
N ASP A 161 26.66 -16.83 -10.94
CA ASP A 161 25.82 -17.17 -9.79
C ASP A 161 24.95 -15.97 -9.45
N GLU A 162 25.60 -14.84 -9.20
CA GLU A 162 24.95 -13.67 -8.64
C GLU A 162 24.15 -12.88 -9.67
N GLY A 163 24.66 -12.86 -10.90
CA GLY A 163 24.09 -12.05 -11.97
C GLY A 163 22.59 -12.16 -12.09
N LYS A 164 22.08 -13.38 -11.97
CA LYS A 164 20.64 -13.61 -11.99
C LYS A 164 19.94 -12.75 -10.93
N TYR A 165 20.52 -12.66 -9.74
CA TYR A 165 19.94 -11.88 -8.65
C TYR A 165 20.15 -10.36 -8.81
N LEU A 166 21.26 -9.97 -9.43
CA LEU A 166 21.49 -8.57 -9.76
C LEU A 166 20.41 -8.05 -10.70
N ALA A 167 20.24 -8.77 -11.81
CA ALA A 167 19.27 -8.37 -12.81
C ALA A 167 17.85 -8.52 -12.29
N ARG A 168 17.62 -9.53 -11.47
CA ARG A 168 16.30 -9.71 -10.86
C ARG A 168 15.97 -8.50 -10.02
N THR A 169 16.94 -8.06 -9.22
CA THR A 169 16.77 -6.89 -8.38
C THR A 169 16.53 -5.65 -9.25
N VAL A 170 17.22 -5.61 -10.38
CA VAL A 170 17.17 -4.49 -11.33
C VAL A 170 15.80 -4.25 -11.95
N LEU A 171 15.23 -5.32 -12.47
CA LEU A 171 13.93 -5.25 -13.13
C LEU A 171 12.86 -5.56 -12.10
N GLY A 172 13.28 -5.75 -10.85
CA GLY A 172 12.38 -6.18 -9.79
C GLY A 172 11.89 -7.56 -10.16
N ILE A 173 12.76 -8.30 -10.83
CA ILE A 173 12.46 -9.64 -11.32
C ILE A 173 12.80 -10.68 -10.26
N MET A 174 13.15 -10.20 -9.07
CA MET A 174 13.38 -11.10 -7.94
C MET A 174 12.06 -11.59 -7.35
N ARG A 175 11.88 -12.90 -7.31
CA ARG A 175 10.64 -13.50 -6.82
C ARG A 175 10.67 -13.96 -5.36
N THR A 176 11.76 -13.66 -4.65
CA THR A 176 11.99 -14.15 -3.28
C THR A 176 10.80 -13.90 -2.39
N GLY A 177 10.45 -14.91 -1.60
CA GLY A 177 9.14 -14.99 -0.96
C GLY A 177 8.99 -14.34 0.40
N VAL A 178 9.80 -13.33 0.70
CA VAL A 178 9.73 -12.70 2.01
C VAL A 178 8.72 -11.55 2.09
N ALA A 179 7.72 -11.75 2.93
CA ALA A 179 6.70 -10.77 3.23
C ALA A 179 7.29 -9.75 4.19
N GLU A 180 6.66 -8.57 4.26
CA GLU A 180 7.11 -7.57 5.23
C GLU A 180 6.89 -8.05 6.65
N GLY A 181 5.82 -8.79 6.89
CA GLY A 181 5.57 -9.31 8.22
C GLY A 181 6.60 -10.36 8.56
N LEU A 182 7.10 -11.06 7.55
CA LEU A 182 8.07 -12.14 7.77
C LEU A 182 9.41 -11.57 8.14
N LEU A 183 9.68 -10.39 7.60
CA LEU A 183 10.88 -9.61 7.88
C LEU A 183 10.73 -8.94 9.22
N ARG A 184 9.51 -8.63 9.62
CA ARG A 184 9.30 -8.04 10.91
C ARG A 184 9.63 -9.09 11.92
N ASP A 185 9.17 -10.30 11.66
CA ASP A 185 9.51 -11.40 12.53
C ASP A 185 11.02 -11.61 12.51
N ALA A 186 11.61 -11.56 11.31
CA ALA A 186 13.05 -11.77 11.15
C ALA A 186 13.94 -10.76 11.92
N LEU A 187 13.60 -9.47 11.86
CA LEU A 187 14.29 -8.46 12.64
C LEU A 187 14.11 -8.68 14.15
N ALA A 188 12.85 -8.79 14.60
CA ALA A 188 12.60 -8.95 16.04
C ALA A 188 13.22 -10.23 16.60
N ASP A 189 13.52 -11.17 15.72
CA ASP A 189 14.22 -12.37 16.12
C ASP A 189 15.69 -12.01 16.22
N ALA A 190 16.30 -11.73 15.08
CA ALA A 190 17.74 -11.53 14.98
C ALA A 190 18.31 -10.63 16.05
N PHE A 191 17.65 -9.53 16.29
CA PHE A 191 18.08 -8.59 17.34
C PHE A 191 17.32 -8.70 18.65
N LYS A 192 16.48 -9.71 18.80
CA LYS A 192 15.83 -9.93 20.10
C LYS A 192 15.13 -8.67 20.58
N VAL A 193 14.24 -8.12 19.75
CA VAL A 193 13.37 -7.03 20.19
C VAL A 193 11.91 -7.45 20.18
N ARG A 194 11.10 -6.80 21.00
CA ARG A 194 9.68 -7.07 20.95
C ARG A 194 9.20 -6.73 19.55
N VAL A 195 8.57 -7.70 18.88
CA VAL A 195 8.11 -7.47 17.49
C VAL A 195 7.03 -6.40 17.41
N GLU A 196 6.31 -6.19 18.51
CA GLU A 196 5.38 -5.08 18.64
C GLU A 196 6.09 -3.78 18.28
N LEU A 197 7.38 -3.70 18.58
CA LEU A 197 8.15 -2.49 18.39
C LEU A 197 8.63 -2.32 16.98
N VAL A 198 9.11 -3.40 16.39
CA VAL A 198 9.49 -3.35 14.99
C VAL A 198 8.22 -2.99 14.21
N GLU A 199 7.11 -3.51 14.69
CA GLU A 199 5.80 -3.17 14.18
C GLU A 199 5.60 -1.67 14.22
N ARG A 200 5.48 -1.11 15.43
CA ARG A 200 5.24 0.33 15.67
C ARG A 200 6.15 1.27 14.88
N ALA A 201 7.45 1.03 14.97
CA ALA A 201 8.43 1.88 14.32
C ALA A 201 8.33 1.73 12.81
N TYR A 202 7.91 0.56 12.33
CA TYR A 202 7.70 0.45 10.89
C TYR A 202 6.46 1.27 10.50
N MET A 203 5.46 1.23 11.37
CA MET A 203 4.20 1.84 11.06
C MET A 203 4.36 3.35 11.03
N LEU A 204 5.30 3.88 11.82
CA LEU A 204 5.53 5.32 11.88
C LEU A 204 6.47 5.91 10.82
N THR A 205 7.21 5.04 10.13
CA THR A 205 8.32 5.47 9.29
C THR A 205 8.19 4.90 7.90
N SER A 206 7.94 3.59 7.85
CA SER A 206 7.89 2.86 6.59
C SER A 206 9.27 2.80 5.98
N ASP A 207 10.26 2.82 6.86
CA ASP A 207 11.65 2.67 6.47
C ASP A 207 12.10 1.43 7.16
N PHE A 208 12.39 0.40 6.39
CA PHE A 208 12.86 -0.84 6.99
C PHE A 208 14.27 -0.70 7.55
N GLY A 209 15.18 -0.18 6.72
CA GLY A 209 16.55 0.06 7.15
C GLY A 209 16.59 0.80 8.46
N PHE A 210 15.79 1.84 8.58
CA PHE A 210 15.80 2.65 9.77
C PHE A 210 15.40 1.88 11.02
N VAL A 211 14.30 1.14 10.94
CA VAL A 211 13.84 0.35 12.06
C VAL A 211 14.86 -0.77 12.36
N ALA A 212 15.61 -1.20 11.34
CA ALA A 212 16.61 -2.27 11.46
C ALA A 212 17.85 -1.82 12.26
N LYS A 213 18.38 -0.68 11.86
CA LYS A 213 19.48 -0.09 12.59
C LYS A 213 19.03 0.19 14.02
N VAL A 214 17.94 0.96 14.19
CA VAL A 214 17.47 1.28 15.54
C VAL A 214 17.33 0.01 16.36
N ALA A 215 16.84 -1.05 15.74
CA ALA A 215 16.64 -2.30 16.45
C ALA A 215 17.98 -2.84 16.93
N LYS A 216 18.88 -3.07 15.98
CA LYS A 216 20.16 -3.71 16.24
C LYS A 216 21.06 -2.92 17.20
N LEU A 217 20.89 -1.60 17.24
CA LEU A 217 21.73 -0.76 18.10
C LEU A 217 21.02 -0.37 19.39
N GLU A 218 19.94 0.39 19.26
CA GLU A 218 19.24 0.91 20.42
C GLU A 218 18.32 -0.08 21.09
N GLY A 219 17.72 -1.01 20.33
CA GLY A 219 16.76 -1.95 20.88
C GLY A 219 15.44 -1.36 21.39
N ASP A 220 14.85 -1.99 22.41
CA ASP A 220 13.48 -1.70 22.85
C ASP A 220 13.25 -0.22 23.06
N GLU A 221 13.68 0.35 24.19
CA GLU A 221 14.44 1.60 24.16
C GLU A 221 14.04 2.62 23.10
N GLY A 222 15.02 2.78 22.22
CA GLY A 222 14.92 3.54 21.00
C GLY A 222 13.76 3.24 20.07
N LEU A 223 13.48 1.97 19.78
CA LEU A 223 12.27 1.63 18.99
C LEU A 223 11.03 2.30 19.56
N ALA A 224 10.81 2.12 20.85
CA ALA A 224 9.67 2.74 21.52
C ALA A 224 9.72 4.25 21.37
N LYS A 225 10.91 4.81 21.54
CA LYS A 225 11.02 6.26 21.45
C LYS A 225 10.93 6.80 20.01
N VAL A 226 11.06 5.93 19.01
CA VAL A 226 11.02 6.34 17.59
C VAL A 226 9.81 7.20 17.24
N LYS A 227 10.04 8.33 16.58
CA LYS A 227 8.90 9.14 16.12
C LYS A 227 8.94 9.64 14.65
N ILE A 228 7.92 10.44 14.35
CA ILE A 228 7.52 10.82 12.99
C ILE A 228 8.57 11.66 12.31
N GLN A 229 8.76 11.45 11.01
CA GLN A 229 9.69 12.24 10.23
C GLN A 229 9.02 12.57 8.93
N VAL A 230 9.00 13.85 8.62
CA VAL A 230 8.50 14.33 7.35
C VAL A 230 9.27 13.67 6.20
N GLY A 231 8.56 13.40 5.11
CA GLY A 231 9.12 12.74 3.95
C GLY A 231 9.26 11.25 4.16
N LYS A 232 8.88 10.76 5.34
CA LYS A 232 8.85 9.34 5.68
C LYS A 232 7.42 8.92 6.03
N PRO A 233 6.74 8.18 5.14
CA PRO A 233 5.30 7.91 5.29
C PRO A 233 4.86 7.03 6.45
N ILE A 234 3.92 7.53 7.23
CA ILE A 234 3.17 6.79 8.27
C ILE A 234 2.03 5.93 7.72
N LYS A 235 1.90 4.72 8.25
CA LYS A 235 0.90 3.81 7.72
C LYS A 235 -0.50 4.26 8.10
N PRO A 236 -1.45 4.09 7.18
CA PRO A 236 -2.84 4.51 7.41
C PRO A 236 -3.55 3.72 8.52
N MET A 237 -4.20 4.44 9.42
CA MET A 237 -5.09 3.85 10.41
C MET A 237 -6.36 3.48 9.66
N LEU A 238 -6.91 2.29 9.93
CA LEU A 238 -8.04 1.79 9.13
C LEU A 238 -9.34 1.50 9.90
N ALA A 239 -10.42 1.42 9.14
CA ALA A 239 -11.76 1.17 9.70
C ALA A 239 -12.23 -0.29 9.55
N GLN A 240 -12.97 -0.72 10.58
CA GLN A 240 -13.87 -1.85 10.48
C GLN A 240 -15.18 -1.35 9.83
N MET A 241 -16.20 -2.21 9.77
CA MET A 241 -17.49 -1.86 9.16
C MET A 241 -18.57 -1.69 10.21
N ALA A 242 -19.57 -0.88 9.89
CA ALA A 242 -20.77 -0.78 10.73
C ALA A 242 -22.02 -1.15 9.94
N ALA A 243 -23.07 -1.55 10.66
CA ALA A 243 -24.33 -1.94 10.04
C ALA A 243 -25.08 -0.71 9.57
N ASN A 244 -25.56 0.07 10.52
CA ASN A 244 -26.20 1.34 10.22
C ASN A 244 -25.64 2.42 11.13
N VAL A 245 -26.14 3.64 10.97
CA VAL A 245 -25.72 4.76 11.82
C VAL A 245 -25.96 4.47 13.30
N ARG A 246 -27.20 4.19 13.66
CA ARG A 246 -27.59 4.01 15.05
C ARG A 246 -26.64 3.04 15.78
N GLU A 247 -26.20 2.02 15.02
CA GLU A 247 -25.22 1.02 15.48
C GLU A 247 -23.86 1.64 15.85
N ALA A 248 -23.28 2.35 14.89
CA ALA A 248 -22.06 3.08 15.09
C ALA A 248 -22.18 3.93 16.35
N LEU A 249 -23.25 4.73 16.41
CA LEU A 249 -23.58 5.48 17.62
C LEU A 249 -23.53 4.60 18.89
N VAL A 250 -23.97 3.36 18.79
CA VAL A 250 -23.84 2.45 19.95
C VAL A 250 -22.39 2.08 20.33
N GLU A 251 -21.65 1.57 19.35
CA GLU A 251 -20.26 1.14 19.57
C GLU A 251 -19.40 2.28 20.13
N MET A 252 -19.62 3.47 19.60
CA MET A 252 -18.87 4.67 19.96
C MET A 252 -19.24 5.15 21.37
N GLY A 253 -20.23 4.51 21.97
CA GLY A 253 -20.62 4.85 23.33
C GLY A 253 -21.47 6.10 23.47
N GLY A 254 -22.38 6.31 22.51
CA GLY A 254 -23.38 7.36 22.60
C GLY A 254 -23.17 8.63 21.79
N GLU A 255 -21.93 8.95 21.47
CA GLU A 255 -21.64 10.11 20.64
C GLU A 255 -20.60 9.72 19.61
N ALA A 256 -20.40 10.55 18.58
CA ALA A 256 -19.39 10.29 17.55
C ALA A 256 -19.19 11.39 16.53
N GLU A 257 -18.04 11.31 15.87
CA GLU A 257 -17.80 12.09 14.68
C GLU A 257 -18.40 11.36 13.51
N PHE A 258 -18.92 12.11 12.55
CA PHE A 258 -19.32 11.54 11.26
C PHE A 258 -18.69 12.36 10.14
N GLU A 259 -18.30 11.68 9.07
CA GLU A 259 -17.66 12.33 7.93
C GLU A 259 -18.22 11.73 6.68
N ILE A 260 -18.30 12.49 5.61
CA ILE A 260 -18.63 11.86 4.35
C ILE A 260 -17.48 10.94 4.04
N LYS A 261 -17.75 9.71 3.60
CA LYS A 261 -16.68 8.87 3.10
C LYS A 261 -16.62 9.07 1.60
N TYR A 262 -15.57 9.72 1.14
CA TYR A 262 -15.39 10.12 -0.24
C TYR A 262 -14.88 8.98 -1.12
N ASP A 263 -15.15 9.02 -2.41
CA ASP A 263 -14.61 7.98 -3.27
C ASP A 263 -13.45 8.52 -4.09
N GLY A 264 -12.27 7.99 -3.79
CA GLY A 264 -11.04 8.61 -4.22
C GLY A 264 -9.84 7.78 -3.84
N ALA A 265 -8.69 8.44 -3.78
CA ALA A 265 -7.49 7.77 -3.31
C ALA A 265 -7.13 8.32 -1.96
N ARG A 266 -6.94 7.45 -0.97
CA ARG A 266 -6.39 7.92 0.28
C ARG A 266 -4.99 8.39 -0.03
N VAL A 267 -4.70 9.64 0.35
CA VAL A 267 -3.37 10.21 0.22
C VAL A 267 -2.85 10.85 1.50
N GLN A 268 -1.54 10.97 1.54
CA GLN A 268 -0.88 11.54 2.70
C GLN A 268 0.07 12.62 2.26
N VAL A 269 0.00 13.75 2.95
CA VAL A 269 0.73 14.91 2.49
C VAL A 269 1.72 15.37 3.54
N HIS A 270 2.98 15.48 3.11
CA HIS A 270 4.05 15.94 3.97
C HIS A 270 4.61 17.27 3.52
N LYS A 271 4.35 18.31 4.30
CA LYS A 271 4.83 19.65 3.97
C LYS A 271 6.03 20.10 4.82
N ASN A 272 7.18 20.30 4.18
CA ASN A 272 8.23 21.04 4.85
C ASN A 272 8.75 22.24 4.05
N GLY A 273 8.48 23.43 4.57
CA GLY A 273 8.78 24.65 3.85
C GLY A 273 8.10 24.65 2.51
N ASN A 274 8.88 24.85 1.45
CA ASN A 274 8.36 24.93 0.08
C ASN A 274 8.41 23.57 -0.61
N LYS A 275 8.77 22.52 0.16
CA LYS A 275 8.78 21.16 -0.37
C LYS A 275 7.63 20.31 0.17
N VAL A 276 6.66 20.04 -0.70
CA VAL A 276 5.54 19.16 -0.40
C VAL A 276 5.77 17.81 -1.04
N LEU A 277 5.53 16.76 -0.28
CA LEU A 277 5.58 15.38 -0.76
C LEU A 277 4.24 14.74 -0.58
N ILE A 278 3.71 14.14 -1.62
CA ILE A 278 2.42 13.50 -1.44
C ILE A 278 2.44 12.05 -1.81
N TYR A 279 1.83 11.25 -0.95
CA TYR A 279 1.88 9.80 -1.09
C TYR A 279 0.53 9.20 -1.30
N SER A 280 0.54 8.10 -2.05
CA SER A 280 -0.66 7.34 -2.32
C SER A 280 -0.77 6.28 -1.27
N ARG A 281 -1.86 5.53 -1.33
CA ARG A 281 -2.11 4.41 -0.42
C ARG A 281 -1.02 3.35 -0.50
N ARG A 282 -0.49 3.10 -1.69
CA ARG A 282 0.55 2.09 -1.85
C ARG A 282 1.93 2.71 -1.63
N LEU A 283 1.91 3.95 -1.16
CA LEU A 283 3.12 4.69 -0.77
C LEU A 283 4.09 4.92 -1.91
N GLU A 284 3.54 5.07 -3.11
CA GLU A 284 4.34 5.58 -4.20
C GLU A 284 4.36 7.09 -4.03
N ASN A 285 5.40 7.78 -4.51
CA ASN A 285 5.40 9.23 -4.39
C ASN A 285 4.73 9.83 -5.61
N VAL A 286 3.53 10.35 -5.40
CA VAL A 286 2.71 10.74 -6.52
C VAL A 286 2.84 12.20 -6.83
N THR A 287 3.75 12.89 -6.14
CA THR A 287 3.88 14.35 -6.28
C THR A 287 3.99 14.77 -7.74
N LYS A 288 5.05 14.32 -8.40
CA LYS A 288 5.41 14.75 -9.75
C LYS A 288 4.21 14.70 -10.69
N SER A 289 3.28 13.80 -10.40
CA SER A 289 2.11 13.61 -11.24
C SER A 289 0.99 14.62 -11.01
N ILE A 290 0.89 15.19 -9.82
CA ILE A 290 -0.23 16.09 -9.51
C ILE A 290 0.22 17.47 -9.07
N PRO A 291 0.88 18.20 -9.98
CA PRO A 291 1.61 19.40 -9.61
C PRO A 291 0.64 20.44 -9.10
N GLU A 292 -0.58 20.40 -9.60
CA GLU A 292 -1.54 21.46 -9.30
C GLU A 292 -2.07 21.33 -7.89
N VAL A 293 -2.14 20.10 -7.40
CA VAL A 293 -2.55 19.89 -6.01
C VAL A 293 -1.34 20.07 -5.10
N VAL A 294 -0.15 20.03 -5.69
CA VAL A 294 1.02 20.47 -4.96
C VAL A 294 0.88 21.96 -4.62
N GLU A 295 0.74 22.81 -5.63
CA GLU A 295 0.75 24.25 -5.41
C GLU A 295 -0.36 24.60 -4.46
N ARG A 296 -1.50 23.97 -4.70
CA ARG A 296 -2.71 24.19 -3.93
C ARG A 296 -2.50 23.89 -2.45
N VAL A 297 -1.94 22.72 -2.18
CA VAL A 297 -1.78 22.27 -0.82
C VAL A 297 -0.70 23.08 -0.11
N LYS A 298 0.22 23.66 -0.86
CA LYS A 298 1.19 24.59 -0.26
C LYS A 298 0.43 25.75 0.37
N GLU A 299 -0.38 26.42 -0.44
CA GLU A 299 -0.98 27.68 -0.04
C GLU A 299 -2.03 27.52 1.06
N ALA A 300 -2.86 26.50 0.98
CA ALA A 300 -3.95 26.37 1.95
C ALA A 300 -3.48 25.81 3.30
N LEU A 301 -2.29 25.21 3.33
CA LEU A 301 -1.74 24.73 4.59
C LEU A 301 -0.93 25.79 5.29
N LYS A 302 -1.44 26.20 6.45
CA LYS A 302 -0.82 27.24 7.26
C LYS A 302 0.57 26.87 7.85
N PRO A 303 0.73 25.65 8.42
CA PRO A 303 2.01 25.34 9.06
C PRO A 303 3.13 24.97 8.10
N GLU A 304 4.35 25.16 8.59
CA GLU A 304 5.57 24.91 7.82
C GLU A 304 5.98 23.43 7.85
N LYS A 305 5.86 22.79 9.00
CA LYS A 305 6.07 21.36 9.07
C LYS A 305 4.77 20.69 9.43
N VAL A 306 4.15 20.07 8.42
CA VAL A 306 2.87 19.40 8.63
C VAL A 306 2.91 18.05 8.00
N ILE A 307 2.12 17.15 8.56
CA ILE A 307 1.73 15.93 7.86
C ILE A 307 0.23 15.78 7.99
N VAL A 308 -0.47 15.83 6.86
CA VAL A 308 -1.93 15.65 6.86
C VAL A 308 -2.36 14.43 6.03
N GLU A 309 -3.59 13.98 6.27
CA GLU A 309 -4.16 12.88 5.54
C GLU A 309 -5.53 13.25 4.99
N GLY A 310 -5.77 12.86 3.75
CA GLY A 310 -7.00 13.22 3.08
C GLY A 310 -7.36 12.25 2.00
N GLU A 311 -8.46 12.51 1.32
CA GLU A 311 -8.98 11.68 0.23
C GLU A 311 -8.96 12.49 -1.07
N LEU A 312 -8.24 12.02 -2.07
CA LEU A 312 -8.15 12.74 -3.33
C LEU A 312 -9.25 12.29 -4.29
N VAL A 313 -10.21 13.18 -4.55
CA VAL A 313 -11.35 12.82 -5.37
C VAL A 313 -11.35 13.50 -6.74
N ALA A 314 -11.32 12.74 -7.81
CA ALA A 314 -11.56 13.33 -9.12
C ALA A 314 -12.99 13.82 -9.15
N VAL A 315 -13.20 15.06 -9.53
CA VAL A 315 -14.54 15.59 -9.53
C VAL A 315 -14.97 16.02 -10.92
N GLU A 316 -16.27 16.01 -11.13
CA GLU A 316 -16.81 16.72 -12.24
C GLU A 316 -16.91 18.16 -11.81
N GLU A 317 -16.85 19.06 -12.79
CA GLU A 317 -16.96 20.49 -12.53
C GLU A 317 -18.29 20.80 -11.87
N THR A 318 -19.22 19.86 -11.97
CA THR A 318 -20.48 19.92 -11.24
C THR A 318 -20.18 20.04 -9.73
N GLY A 319 -18.97 19.64 -9.34
CA GLY A 319 -18.54 19.68 -7.96
C GLY A 319 -18.72 18.30 -7.37
N ARG A 320 -19.01 17.34 -8.24
CA ARG A 320 -19.38 15.99 -7.82
C ARG A 320 -18.32 14.98 -8.28
N PRO A 321 -18.12 13.93 -7.47
CA PRO A 321 -17.04 12.94 -7.57
C PRO A 321 -17.12 12.09 -8.80
N ARG A 322 -16.03 11.90 -9.51
CA ARG A 322 -15.96 10.83 -10.49
C ARG A 322 -15.48 9.55 -9.78
N PRO A 323 -15.69 8.37 -10.41
CA PRO A 323 -15.12 7.15 -9.80
C PRO A 323 -13.64 7.29 -9.54
N PHE A 324 -13.13 6.74 -8.44
CA PHE A 324 -11.73 6.89 -8.05
C PHE A 324 -10.75 6.44 -9.14
N GLN A 325 -11.27 5.63 -10.05
CA GLN A 325 -10.49 5.09 -11.16
C GLN A 325 -9.80 6.18 -11.98
N TYR A 326 -10.47 7.33 -12.12
CA TYR A 326 -9.88 8.51 -12.74
C TYR A 326 -8.73 9.11 -11.95
N VAL A 327 -8.91 9.36 -10.63
CA VAL A 327 -7.79 9.85 -9.79
C VAL A 327 -6.55 8.98 -9.97
N LEU A 328 -6.75 7.66 -9.94
CA LEU A 328 -5.58 6.79 -10.22
C LEU A 328 -5.02 7.02 -11.64
N ARG A 329 -5.90 7.34 -12.60
CA ARG A 329 -5.42 7.65 -13.94
C ARG A 329 -4.45 8.83 -13.86
N ARG A 330 -4.82 9.78 -13.00
CA ARG A 330 -4.01 10.96 -12.78
C ARG A 330 -2.65 10.62 -12.18
N PHE A 331 -2.62 9.68 -11.24
CA PHE A 331 -1.32 9.24 -10.69
C PHE A 331 -0.45 8.61 -11.78
N ARG A 332 -1.06 7.82 -12.67
CA ARG A 332 -0.25 7.15 -13.67
C ARG A 332 0.59 8.12 -14.53
N ARG A 333 0.05 9.30 -14.80
CA ARG A 333 0.63 10.24 -15.76
C ARG A 333 0.92 9.48 -17.06
N LYS A 334 -0.15 9.02 -17.68
CA LYS A 334 -0.08 8.35 -18.98
C LYS A 334 0.13 9.37 -20.09
N TYR A 335 -0.71 10.40 -20.08
CA TYR A 335 -0.62 11.51 -21.03
C TYR A 335 0.27 12.62 -20.47
N ASN A 336 0.27 13.77 -21.12
CA ASN A 336 0.99 14.92 -20.60
C ASN A 336 0.11 15.81 -19.74
N ILE A 337 0.62 16.09 -18.55
CA ILE A 337 -0.15 16.60 -17.43
C ILE A 337 -0.87 17.89 -17.77
N GLU A 338 -0.38 18.58 -18.78
CA GLU A 338 -1.06 19.77 -19.28
C GLU A 338 -2.49 19.38 -19.62
N GLU A 339 -2.65 18.35 -20.45
CA GLU A 339 -3.96 17.85 -20.87
C GLU A 339 -4.78 17.30 -19.70
N MET A 340 -4.14 16.41 -18.94
CA MET A 340 -4.80 15.68 -17.87
C MET A 340 -5.38 16.57 -16.79
N ILE A 341 -4.64 17.60 -16.42
CA ILE A 341 -5.06 18.42 -15.29
C ILE A 341 -6.40 19.10 -15.56
N GLU A 342 -6.72 19.33 -16.83
CA GLU A 342 -8.07 19.74 -17.23
C GLU A 342 -9.04 18.57 -17.46
N LYS A 343 -8.56 17.51 -18.10
CA LYS A 343 -9.43 16.34 -18.36
C LYS A 343 -9.94 15.69 -17.08
N ILE A 344 -9.14 15.73 -16.01
CA ILE A 344 -9.54 15.22 -14.69
C ILE A 344 -9.13 16.10 -13.51
N PRO A 345 -9.96 17.09 -13.17
CA PRO A 345 -9.70 17.89 -11.95
C PRO A 345 -9.83 17.07 -10.68
N LEU A 346 -9.17 17.53 -9.61
CA LEU A 346 -9.13 16.79 -8.36
C LEU A 346 -9.37 17.70 -7.17
N GLU A 347 -10.24 17.27 -6.25
CA GLU A 347 -10.31 17.91 -4.95
C GLU A 347 -9.75 16.98 -3.87
N LEU A 348 -9.21 17.57 -2.81
CA LEU A 348 -8.59 16.83 -1.71
C LEU A 348 -9.24 17.20 -0.38
N ASN A 349 -9.91 16.22 0.24
CA ASN A 349 -10.65 16.49 1.47
C ASN A 349 -9.96 15.92 2.68
N LEU A 350 -9.37 16.79 3.49
CA LEU A 350 -8.46 16.34 4.52
C LEU A 350 -9.22 15.84 5.72
N PHE A 351 -8.97 14.60 6.14
CA PHE A 351 -9.56 14.14 7.39
C PHE A 351 -8.65 14.00 8.62
N ASP A 352 -7.35 14.18 8.48
CA ASP A 352 -6.49 14.09 9.69
C ASP A 352 -5.18 14.85 9.66
N ILE A 353 -4.66 15.15 10.85
CA ILE A 353 -3.36 15.78 11.07
C ILE A 353 -2.52 14.82 11.88
N LEU A 354 -1.49 14.25 11.28
CA LEU A 354 -0.55 13.40 12.01
C LEU A 354 0.58 14.17 12.71
N TYR A 355 0.98 15.29 12.08
CA TYR A 355 2.10 16.09 12.53
C TYR A 355 1.92 17.58 12.20
N VAL A 356 2.20 18.46 13.16
CA VAL A 356 2.34 19.88 12.87
C VAL A 356 3.43 20.44 13.73
N ASP A 357 4.31 21.23 13.14
CA ASP A 357 5.20 22.09 13.93
C ASP A 357 6.03 21.31 14.95
N GLY A 358 6.72 20.27 14.48
CA GLY A 358 7.47 19.43 15.39
C GLY A 358 6.63 18.79 16.50
N GLN A 359 5.32 18.66 16.28
CA GLN A 359 4.44 17.95 17.21
C GLN A 359 3.84 16.69 16.58
N ASN A 360 3.96 15.57 17.29
CA ASN A 360 3.37 14.28 16.92
C ASN A 360 1.94 14.10 17.47
N MET A 361 0.98 13.95 16.57
CA MET A 361 -0.45 13.95 16.88
C MET A 361 -1.09 12.58 17.13
N ILE A 362 -0.33 11.53 16.87
CA ILE A 362 -0.79 10.17 17.01
C ILE A 362 -1.52 9.97 18.32
N ASP A 363 -0.91 10.41 19.41
CA ASP A 363 -1.40 10.14 20.76
C ASP A 363 -2.48 11.13 21.22
N THR A 364 -2.92 11.99 20.29
CA THR A 364 -4.02 12.92 20.55
C THR A 364 -5.39 12.35 20.10
N PRO A 365 -6.45 12.60 20.88
CA PRO A 365 -7.78 12.12 20.52
C PRO A 365 -8.20 12.62 19.16
N PHE A 366 -9.23 12.02 18.60
CA PHE A 366 -9.74 12.58 17.37
C PHE A 366 -10.21 14.01 17.56
N MET A 367 -11.06 14.27 18.55
CA MET A 367 -11.70 15.56 18.70
C MET A 367 -10.72 16.72 18.51
N GLU A 368 -9.60 16.61 19.23
CA GLU A 368 -8.56 17.63 19.24
C GLU A 368 -7.83 17.74 17.89
N ARG A 369 -7.40 16.59 17.37
CA ARG A 369 -6.72 16.54 16.08
C ARG A 369 -7.57 17.23 15.03
N ARG A 370 -8.87 16.94 15.01
CA ARG A 370 -9.84 17.62 14.15
C ARG A 370 -9.87 19.13 14.33
N LYS A 371 -10.02 19.61 15.56
CA LYS A 371 -10.03 21.06 15.81
C LYS A 371 -8.78 21.73 15.24
N VAL A 372 -7.62 21.14 15.55
CA VAL A 372 -6.31 21.55 15.04
C VAL A 372 -6.27 21.59 13.52
N LEU A 373 -6.82 20.53 12.92
CA LEU A 373 -6.79 20.36 11.48
C LEU A 373 -7.58 21.49 10.84
N GLU A 374 -8.75 21.74 11.40
CA GLU A 374 -9.55 22.86 10.95
C GLU A 374 -8.75 24.15 11.13
N SER A 375 -7.99 24.24 12.21
CA SER A 375 -7.25 25.46 12.55
C SER A 375 -6.11 25.75 11.56
N VAL A 376 -5.51 24.67 11.08
CA VAL A 376 -4.28 24.63 10.31
C VAL A 376 -4.49 24.92 8.83
N VAL A 377 -5.70 24.63 8.35
CA VAL A 377 -6.05 24.77 6.93
C VAL A 377 -7.06 25.87 6.82
N ASN A 378 -6.78 26.83 5.95
CA ASN A 378 -7.79 27.77 5.51
C ASN A 378 -8.18 27.35 4.09
N SER A 379 -9.44 26.91 3.96
CA SER A 379 -9.92 26.14 2.80
C SER A 379 -10.30 26.94 1.54
N ASN A 380 -9.87 26.44 0.40
CA ASN A 380 -10.38 26.87 -0.90
C ASN A 380 -11.56 25.98 -1.34
N GLU A 381 -11.93 26.08 -2.61
CA GLU A 381 -12.81 25.08 -3.22
C GLU A 381 -11.97 23.93 -3.70
N TRP A 382 -10.66 24.14 -3.75
CA TRP A 382 -9.71 23.10 -4.18
C TRP A 382 -9.07 22.26 -3.07
N ILE A 383 -9.18 22.74 -1.83
CA ILE A 383 -8.67 22.04 -0.64
C ILE A 383 -9.61 22.32 0.53
N LYS A 384 -10.08 21.29 1.20
CA LYS A 384 -11.06 21.52 2.26
C LYS A 384 -10.95 20.49 3.32
N SER A 385 -11.22 20.91 4.55
CA SER A 385 -11.32 19.99 5.64
C SER A 385 -12.60 19.17 5.43
N ALA A 386 -12.44 17.85 5.48
CA ALA A 386 -13.53 16.90 5.20
C ALA A 386 -14.76 17.19 6.04
N GLU A 387 -15.93 17.15 5.41
CA GLU A 387 -17.18 17.51 6.06
C GLU A 387 -17.48 16.60 7.25
N ASN A 388 -17.82 17.21 8.38
CA ASN A 388 -18.02 16.48 9.63
C ASN A 388 -19.29 16.87 10.37
N LEU A 389 -19.79 15.97 11.21
CA LEU A 389 -20.81 16.31 12.19
C LEU A 389 -20.57 15.57 13.49
N ILE A 390 -20.59 16.28 14.60
CA ILE A 390 -20.43 15.62 15.89
C ILE A 390 -21.73 15.70 16.64
N THR A 391 -22.40 14.56 16.77
CA THR A 391 -23.72 14.52 17.35
C THR A 391 -23.93 13.28 18.22
N LYS A 392 -24.78 13.44 19.22
CA LYS A 392 -25.13 12.37 20.14
C LYS A 392 -26.38 11.62 19.68
N SER A 393 -27.06 12.13 18.64
CA SER A 393 -28.31 11.51 18.16
C SER A 393 -28.33 11.12 16.66
N PRO A 394 -28.88 9.92 16.34
CA PRO A 394 -28.84 9.27 15.02
C PRO A 394 -29.66 9.90 13.90
N GLU A 395 -30.62 10.75 14.26
CA GLU A 395 -31.52 11.35 13.29
C GLU A 395 -30.78 12.16 12.21
N GLU A 396 -30.15 13.26 12.66
CA GLU A 396 -29.34 14.14 11.83
C GLU A 396 -28.13 13.41 11.28
N ALA A 397 -27.73 12.35 11.97
CA ALA A 397 -26.68 11.45 11.53
C ALA A 397 -27.04 10.80 10.22
N GLU A 398 -28.19 10.13 10.21
CA GLU A 398 -28.68 9.45 9.01
C GLU A 398 -29.17 10.47 7.98
N ALA A 399 -29.50 11.67 8.45
CA ALA A 399 -29.76 12.80 7.55
C ALA A 399 -28.50 13.16 6.76
N PHE A 400 -27.36 13.12 7.47
CA PHE A 400 -26.04 13.32 6.89
C PHE A 400 -25.70 12.15 5.98
N TYR A 401 -26.08 10.96 6.42
CA TYR A 401 -25.82 9.73 5.67
C TYR A 401 -26.50 9.83 4.30
N HIS A 402 -27.74 10.30 4.30
CA HIS A 402 -28.51 10.45 3.08
C HIS A 402 -27.97 11.59 2.21
N LYS A 403 -27.75 12.75 2.85
CA LYS A 403 -27.17 13.89 2.16
C LYS A 403 -25.88 13.49 1.40
N ALA A 404 -25.07 12.66 2.05
CA ALA A 404 -23.82 12.15 1.51
C ALA A 404 -24.03 11.14 0.37
N LEU A 405 -25.03 10.29 0.53
CA LEU A 405 -25.37 9.34 -0.53
C LEU A 405 -25.88 10.03 -1.80
N ASP A 406 -26.79 10.97 -1.64
CA ASP A 406 -27.34 11.69 -2.76
C ASP A 406 -26.34 12.67 -3.32
N LEU A 407 -25.33 12.98 -2.51
CA LEU A 407 -24.13 13.65 -2.97
C LEU A 407 -23.28 12.73 -3.85
N GLY A 408 -23.47 11.43 -3.68
CA GLY A 408 -22.88 10.46 -4.57
C GLY A 408 -21.44 10.07 -4.41
N HIS A 409 -20.99 9.70 -3.21
CA HIS A 409 -19.71 9.00 -3.14
C HIS A 409 -19.74 7.52 -2.71
N GLU A 410 -19.75 7.31 -1.40
CA GLU A 410 -19.55 5.98 -0.82
C GLU A 410 -20.54 5.76 0.32
N GLY A 411 -20.49 6.62 1.33
CA GLY A 411 -21.12 6.34 2.62
C GLY A 411 -20.81 7.36 3.73
N LEU A 412 -20.74 6.88 4.97
CA LEU A 412 -20.18 7.67 6.06
C LEU A 412 -18.92 7.02 6.60
N MET A 413 -18.12 7.83 7.29
CA MET A 413 -17.16 7.35 8.27
C MET A 413 -17.63 7.82 9.66
N ALA A 414 -17.34 7.03 10.67
CA ALA A 414 -17.71 7.36 12.04
C ALA A 414 -16.48 7.24 12.94
N LYS A 415 -16.02 8.38 13.43
CA LYS A 415 -14.77 8.42 14.14
C LYS A 415 -15.01 8.53 15.64
N ARG A 416 -14.42 7.58 16.36
CA ARG A 416 -14.43 7.62 17.81
C ARG A 416 -13.75 8.92 18.19
N LEU A 417 -14.44 9.71 19.00
CA LEU A 417 -13.98 11.04 19.36
C LEU A 417 -12.70 11.01 20.19
N ASP A 418 -12.66 10.10 21.15
CA ASP A 418 -11.53 9.99 22.05
C ASP A 418 -10.42 9.11 21.47
N SER A 419 -10.63 8.60 20.26
CA SER A 419 -9.64 7.72 19.64
C SER A 419 -8.30 8.40 19.35
N THR A 420 -7.19 7.78 19.76
CA THR A 420 -5.90 8.27 19.30
C THR A 420 -5.67 7.67 17.91
N TYR A 421 -4.49 7.84 17.33
CA TYR A 421 -4.25 7.34 15.98
C TYR A 421 -3.38 6.07 16.04
N GLU A 422 -3.83 5.01 15.38
CA GLU A 422 -3.09 3.74 15.37
C GLU A 422 -2.71 3.35 13.95
N PRO A 423 -1.54 3.80 13.48
CA PRO A 423 -1.07 3.49 12.13
C PRO A 423 -1.02 1.99 11.79
N GLY A 424 -1.65 1.65 10.66
CA GLY A 424 -1.70 0.29 10.15
C GLY A 424 -2.67 -0.59 10.92
N ASN A 425 -3.62 0.00 11.63
CA ASN A 425 -4.58 -0.77 12.39
C ASN A 425 -6.08 -0.52 12.04
N ARG A 426 -6.71 -1.52 11.39
CA ARG A 426 -8.18 -1.58 11.26
C ARG A 426 -8.79 -1.75 12.63
N GLY A 427 -9.73 -0.92 13.00
CA GLY A 427 -10.27 -1.09 14.33
C GLY A 427 -11.67 -0.57 14.40
N LYS A 428 -12.21 -0.53 15.60
CA LYS A 428 -13.54 -0.02 15.82
C LYS A 428 -13.50 1.46 16.20
N LYS A 429 -12.33 2.07 16.12
CA LYS A 429 -12.20 3.50 16.43
C LYS A 429 -12.76 4.28 15.26
N TRP A 430 -12.55 3.74 14.08
CA TRP A 430 -13.12 4.28 12.85
C TRP A 430 -14.06 3.24 12.25
N LEU A 431 -15.20 3.69 11.73
CA LEU A 431 -16.19 2.75 11.17
C LEU A 431 -16.87 3.25 9.87
N LYS A 432 -16.78 2.44 8.81
CA LYS A 432 -17.45 2.71 7.53
C LYS A 432 -18.95 2.42 7.62
N ILE A 433 -19.76 3.23 6.94
CA ILE A 433 -21.20 2.98 6.81
C ILE A 433 -21.59 3.06 5.34
N LYS A 434 -21.94 1.93 4.75
CA LYS A 434 -22.22 1.90 3.31
C LYS A 434 -23.56 1.23 2.96
N PRO A 435 -24.14 1.63 1.82
CA PRO A 435 -25.31 0.97 1.23
C PRO A 435 -24.96 -0.44 0.80
N THR A 436 -23.75 -0.63 0.27
CA THR A 436 -23.34 -1.93 -0.22
C THR A 436 -22.53 -2.71 0.80
N MET A 437 -22.15 -3.92 0.42
CA MET A 437 -21.20 -4.68 1.20
C MET A 437 -19.83 -4.35 0.63
N GLU A 438 -18.86 -4.20 1.54
CA GLU A 438 -17.52 -3.84 1.14
C GLU A 438 -17.00 -4.82 0.11
N ASN A 439 -16.38 -4.30 -0.96
CA ASN A 439 -15.71 -5.11 -1.96
C ASN A 439 -14.34 -5.53 -1.47
N LEU A 440 -13.63 -6.31 -2.27
CA LEU A 440 -12.37 -6.84 -1.81
C LEU A 440 -11.24 -6.43 -2.73
N ASP A 441 -10.10 -6.07 -2.15
CA ASP A 441 -8.90 -5.87 -2.95
C ASP A 441 -7.97 -7.04 -2.70
N LEU A 442 -7.82 -7.90 -3.69
CA LEU A 442 -6.96 -9.06 -3.52
C LEU A 442 -6.01 -9.22 -4.68
N VAL A 443 -4.96 -9.97 -4.40
CA VAL A 443 -3.87 -10.12 -5.34
C VAL A 443 -4.23 -11.14 -6.37
N VAL A 444 -3.79 -10.90 -7.60
CA VAL A 444 -4.04 -11.91 -8.60
C VAL A 444 -2.91 -12.89 -8.41
N LEU A 445 -3.31 -14.04 -7.90
CA LEU A 445 -2.39 -15.07 -7.46
C LEU A 445 -1.95 -15.91 -8.62
N GLY A 446 -2.91 -16.24 -9.48
CA GLY A 446 -2.66 -17.09 -10.63
C GLY A 446 -3.64 -16.70 -11.70
N ALA A 447 -3.62 -17.40 -12.83
CA ALA A 447 -4.56 -17.10 -13.89
C ALA A 447 -4.74 -18.34 -14.75
N GLU A 448 -5.62 -18.25 -15.74
CA GLU A 448 -5.80 -19.35 -16.68
C GLU A 448 -6.10 -18.77 -18.06
N TRP A 449 -5.45 -19.32 -19.09
CA TRP A 449 -5.59 -18.83 -20.45
C TRP A 449 -6.94 -19.17 -21.05
N GLY A 450 -7.17 -18.73 -22.28
CA GLY A 450 -8.36 -19.11 -23.01
C GLY A 450 -7.99 -20.13 -24.07
N GLU A 451 -8.98 -20.61 -24.81
CA GLU A 451 -8.71 -21.61 -25.84
C GLU A 451 -9.10 -21.11 -27.22
N GLY A 452 -8.43 -21.67 -28.23
CA GLY A 452 -8.54 -21.21 -29.60
C GLY A 452 -7.86 -19.89 -29.89
N ARG A 453 -8.63 -18.94 -30.42
CA ARG A 453 -8.16 -17.58 -30.65
C ARG A 453 -7.79 -16.89 -29.33
N ARG A 454 -8.40 -17.37 -28.25
CA ARG A 454 -8.18 -16.83 -26.91
C ARG A 454 -7.01 -17.50 -26.19
N SER A 455 -6.23 -18.30 -26.90
CA SER A 455 -5.02 -18.86 -26.32
C SER A 455 -3.96 -17.77 -26.13
N GLY A 456 -4.18 -16.62 -26.76
CA GLY A 456 -3.34 -15.46 -26.57
C GLY A 456 -3.88 -14.54 -25.48
N VAL A 457 -4.69 -15.11 -24.60
CA VAL A 457 -5.40 -14.35 -23.57
C VAL A 457 -5.52 -15.09 -22.23
N LEU A 458 -5.29 -14.38 -21.12
CA LEU A 458 -5.61 -14.92 -19.80
C LEU A 458 -7.04 -14.50 -19.52
N SER A 459 -7.94 -15.46 -19.56
CA SER A 459 -9.36 -15.26 -19.26
C SER A 459 -9.74 -15.30 -17.79
N SER A 460 -9.13 -16.20 -17.00
CA SER A 460 -9.61 -16.37 -15.63
C SER A 460 -8.58 -15.97 -14.61
N PHE A 461 -9.00 -15.45 -13.45
CA PHE A 461 -7.97 -14.94 -12.54
C PHE A 461 -8.07 -15.46 -11.13
N LEU A 462 -7.07 -16.26 -10.81
CA LEU A 462 -6.93 -16.89 -9.53
C LEU A 462 -6.54 -15.83 -8.55
N LEU A 463 -7.35 -15.72 -7.50
CA LEU A 463 -7.19 -14.66 -6.52
C LEU A 463 -6.78 -15.13 -5.13
N GLY A 464 -5.61 -14.65 -4.71
CA GLY A 464 -5.10 -14.86 -3.37
C GLY A 464 -5.34 -13.77 -2.34
N ALA A 465 -5.40 -14.19 -1.07
CA ALA A 465 -5.36 -13.32 0.11
C ALA A 465 -4.12 -13.70 0.93
N TYR A 466 -3.82 -12.96 1.99
CA TYR A 466 -2.60 -13.20 2.74
C TYR A 466 -2.86 -13.87 4.06
N ASP A 467 -2.05 -14.86 4.36
CA ASP A 467 -2.15 -15.52 5.63
C ASP A 467 -0.91 -15.37 6.52
N PRO A 468 -1.09 -14.68 7.66
CA PRO A 468 -0.05 -14.44 8.67
C PRO A 468 0.63 -15.75 9.04
N VAL A 469 -0.05 -16.86 9.34
CA VAL A 469 0.78 -18.05 9.34
C VAL A 469 0.57 -18.70 8.02
N LYS A 470 1.20 -18.10 7.03
CA LYS A 470 1.88 -18.77 5.94
C LYS A 470 3.00 -17.87 5.42
N GLY A 471 2.66 -16.62 5.05
CA GLY A 471 3.26 -16.04 3.87
C GLY A 471 2.50 -16.50 2.61
N ASP A 472 3.17 -17.25 1.75
CA ASP A 472 3.11 -17.17 0.29
C ASP A 472 1.79 -16.84 -0.42
N PHE A 473 0.74 -16.40 0.30
CA PHE A 473 -0.56 -16.10 -0.34
C PHE A 473 -1.39 -17.30 -0.77
N VAL A 474 -2.12 -17.79 0.22
CA VAL A 474 -3.31 -18.60 0.11
C VAL A 474 -4.28 -18.08 -0.97
N PRO A 475 -4.72 -18.95 -1.90
CA PRO A 475 -5.85 -18.64 -2.81
C PRO A 475 -7.22 -18.59 -2.13
N VAL A 476 -7.96 -17.48 -2.32
CA VAL A 476 -9.37 -17.37 -1.92
C VAL A 476 -10.43 -17.46 -3.03
N GLY A 477 -10.00 -17.62 -4.27
CA GLY A 477 -10.99 -17.80 -5.34
C GLY A 477 -10.47 -17.70 -6.75
N LYS A 478 -11.39 -17.57 -7.72
CA LYS A 478 -11.04 -17.31 -9.11
C LYS A 478 -12.17 -16.51 -9.75
N VAL A 479 -11.83 -15.55 -10.61
CA VAL A 479 -12.82 -14.60 -11.14
C VAL A 479 -12.71 -14.41 -12.65
N GLY A 480 -13.77 -14.77 -13.36
CA GLY A 480 -13.84 -14.52 -14.78
C GLY A 480 -14.85 -13.46 -15.22
N SER A 481 -15.78 -13.12 -14.35
CA SER A 481 -16.84 -12.21 -14.77
C SER A 481 -16.47 -10.76 -14.42
N GLY A 482 -16.95 -9.85 -15.26
CA GLY A 482 -16.78 -8.42 -15.05
C GLY A 482 -15.82 -7.76 -16.01
N PHE A 483 -15.05 -8.53 -16.77
CA PHE A 483 -14.03 -7.97 -17.68
C PHE A 483 -14.54 -7.76 -19.09
N THR A 484 -14.07 -6.71 -19.76
CA THR A 484 -14.31 -6.57 -21.19
C THR A 484 -13.12 -7.13 -21.93
N ASP A 485 -13.12 -6.98 -23.24
CA ASP A 485 -12.01 -7.46 -24.05
C ASP A 485 -10.73 -6.76 -23.71
N GLU A 486 -10.72 -5.44 -23.81
CA GLU A 486 -9.49 -4.68 -23.59
C GLU A 486 -9.01 -4.86 -22.16
N ASP A 487 -9.94 -5.08 -21.25
CA ASP A 487 -9.58 -5.45 -19.89
C ASP A 487 -8.70 -6.68 -19.89
N LEU A 488 -9.07 -7.66 -20.70
CA LEU A 488 -8.33 -8.92 -20.73
C LEU A 488 -7.04 -8.86 -21.54
N VAL A 489 -6.98 -7.97 -22.54
CA VAL A 489 -5.71 -7.80 -23.26
C VAL A 489 -4.73 -7.17 -22.30
N GLU A 490 -5.25 -6.20 -21.54
CA GLU A 490 -4.48 -5.50 -20.50
C GLU A 490 -3.89 -6.48 -19.50
N PHE A 491 -4.77 -7.12 -18.75
CA PHE A 491 -4.36 -8.13 -17.79
C PHE A 491 -3.42 -9.18 -18.35
N THR A 492 -3.68 -9.66 -19.55
CA THR A 492 -2.81 -10.68 -20.13
C THR A 492 -1.39 -10.17 -20.39
N LYS A 493 -1.28 -9.05 -21.13
CA LYS A 493 0.01 -8.44 -21.45
C LYS A 493 0.82 -8.07 -20.20
N MET A 494 0.11 -7.54 -19.22
CA MET A 494 0.71 -7.07 -17.98
C MET A 494 1.12 -8.22 -17.07
N LEU A 495 0.23 -9.19 -16.89
CA LEU A 495 0.47 -10.37 -16.05
C LEU A 495 1.50 -11.34 -16.62
N LYS A 496 1.66 -11.36 -17.93
CA LYS A 496 2.57 -12.31 -18.59
C LYS A 496 3.97 -12.41 -17.94
N PRO A 497 4.65 -11.27 -17.74
CA PRO A 497 5.94 -11.29 -17.02
C PRO A 497 5.92 -11.98 -15.65
N LEU A 498 4.78 -11.96 -14.97
CA LEU A 498 4.70 -12.34 -13.55
C LEU A 498 4.47 -13.83 -13.31
N ILE A 499 4.52 -14.63 -14.37
CA ILE A 499 4.20 -16.03 -14.21
C ILE A 499 5.36 -16.82 -13.59
N LYS A 500 5.13 -17.34 -12.39
CA LYS A 500 6.13 -18.11 -11.66
C LYS A 500 5.94 -19.62 -11.82
N LYS A 501 4.85 -20.04 -12.47
CA LYS A 501 4.66 -21.45 -12.83
C LYS A 501 3.76 -21.60 -14.06
N GLU A 502 4.07 -22.54 -14.95
CA GLU A 502 3.23 -22.83 -16.12
C GLU A 502 2.70 -24.28 -16.15
N HIS A 503 1.41 -24.48 -15.87
CA HIS A 503 0.80 -25.81 -16.02
C HIS A 503 -0.26 -25.81 -17.14
N GLY A 504 0.06 -26.37 -18.31
CA GLY A 504 -0.90 -26.37 -19.40
C GLY A 504 -1.36 -24.98 -19.84
N LYS A 505 -2.67 -24.73 -19.75
CA LYS A 505 -3.24 -23.40 -19.98
C LYS A 505 -3.48 -22.60 -18.69
N GLU A 506 -3.12 -23.19 -17.55
CA GLU A 506 -3.28 -22.54 -16.23
C GLU A 506 -1.90 -22.14 -15.67
N VAL A 507 -1.88 -21.13 -14.81
CA VAL A 507 -0.64 -20.42 -14.50
C VAL A 507 -0.57 -19.89 -13.05
N GLU A 508 0.60 -20.02 -12.41
CA GLU A 508 0.78 -19.44 -11.07
C GLU A 508 1.60 -18.15 -11.18
N LEU A 509 1.02 -17.06 -10.66
CA LEU A 509 1.55 -15.72 -10.92
C LEU A 509 2.36 -15.17 -9.74
N GLU A 510 3.46 -14.48 -10.02
CA GLU A 510 4.16 -13.81 -8.93
C GLU A 510 3.31 -12.62 -8.52
N PRO A 511 2.78 -12.69 -7.30
CA PRO A 511 1.60 -11.94 -6.88
C PRO A 511 1.90 -10.50 -6.58
N LYS A 512 2.15 -9.69 -7.60
CA LYS A 512 2.29 -8.24 -7.41
C LYS A 512 1.06 -7.38 -7.78
N VAL A 513 -0.03 -7.98 -8.28
CA VAL A 513 -1.16 -7.20 -8.85
C VAL A 513 -2.47 -7.27 -8.07
N VAL A 514 -2.94 -6.12 -7.58
CA VAL A 514 -4.12 -6.08 -6.73
C VAL A 514 -5.35 -5.60 -7.48
N ILE A 515 -6.37 -6.45 -7.57
CA ILE A 515 -7.63 -6.00 -8.14
C ILE A 515 -8.77 -6.07 -7.14
N GLU A 516 -9.69 -5.14 -7.31
CA GLU A 516 -10.87 -5.05 -6.51
C GLU A 516 -12.02 -5.76 -7.24
N VAL A 517 -12.63 -6.70 -6.53
CA VAL A 517 -13.73 -7.55 -7.03
C VAL A 517 -14.90 -7.56 -6.05
N ALA A 518 -16.11 -7.71 -6.59
CA ALA A 518 -17.26 -7.76 -5.72
C ALA A 518 -17.78 -9.18 -5.76
N TYR A 519 -18.72 -9.48 -4.88
CA TYR A 519 -19.11 -10.85 -4.65
C TYR A 519 -20.55 -10.88 -4.18
N GLN A 520 -21.28 -11.92 -4.55
CA GLN A 520 -22.65 -12.07 -4.08
C GLN A 520 -22.66 -12.49 -2.62
N GLU A 521 -21.87 -13.51 -2.27
CA GLU A 521 -21.78 -13.94 -0.88
C GLU A 521 -20.41 -14.48 -0.50
N ILE A 522 -19.99 -14.27 0.73
CA ILE A 522 -18.83 -15.00 1.23
C ILE A 522 -19.31 -16.27 1.94
N GLN A 523 -18.72 -17.41 1.58
CA GLN A 523 -19.06 -18.67 2.22
C GLN A 523 -17.78 -19.32 2.72
N LYS A 524 -17.89 -20.31 3.60
CA LYS A 524 -16.70 -21.05 4.00
C LYS A 524 -16.50 -22.30 3.13
N SER A 525 -15.53 -22.23 2.23
CA SER A 525 -15.21 -23.37 1.37
C SER A 525 -13.78 -23.86 1.54
N PRO A 526 -13.58 -24.99 2.22
CA PRO A 526 -12.27 -25.59 2.01
C PRO A 526 -12.16 -26.36 0.68
N LYS A 527 -12.60 -25.74 -0.41
CA LYS A 527 -12.22 -26.15 -1.77
C LYS A 527 -11.08 -25.23 -2.17
N TYR A 528 -10.82 -24.26 -1.29
CA TYR A 528 -9.59 -23.46 -1.27
C TYR A 528 -8.94 -23.62 0.10
N GLU A 529 -7.63 -23.43 0.16
CA GLU A 529 -6.91 -23.54 1.42
C GLU A 529 -7.59 -22.77 2.56
N SER A 530 -7.92 -21.51 2.30
CA SER A 530 -8.44 -20.59 3.31
C SER A 530 -9.69 -21.11 4.04
N GLY A 531 -10.34 -22.12 3.45
CA GLY A 531 -11.64 -22.55 3.92
C GLY A 531 -12.63 -21.44 3.61
N PHE A 532 -12.24 -20.62 2.63
CA PHE A 532 -12.97 -19.41 2.24
C PHE A 532 -13.07 -19.35 0.73
N ALA A 533 -14.22 -18.90 0.24
CA ALA A 533 -14.45 -18.72 -1.19
C ALA A 533 -15.47 -17.61 -1.42
N LEU A 534 -15.56 -17.13 -2.66
CA LEU A 534 -16.51 -16.05 -2.99
C LEU A 534 -17.58 -16.53 -3.95
N ARG A 535 -18.82 -16.16 -3.67
CA ARG A 535 -19.93 -16.58 -4.50
C ARG A 535 -20.01 -15.54 -5.58
N PHE A 536 -19.69 -15.99 -6.79
CA PHE A 536 -19.75 -15.12 -7.97
C PHE A 536 -18.96 -13.80 -7.81
N PRO A 537 -17.62 -13.86 -7.94
CA PRO A 537 -16.78 -12.66 -7.99
C PRO A 537 -16.87 -11.94 -9.34
N ARG A 538 -16.79 -10.62 -9.32
CA ARG A 538 -16.71 -9.84 -10.56
C ARG A 538 -15.74 -8.65 -10.49
N TYR A 539 -14.98 -8.47 -11.56
CA TYR A 539 -14.04 -7.38 -11.70
C TYR A 539 -14.75 -6.05 -11.46
N ILE A 540 -14.11 -5.19 -10.69
CA ILE A 540 -14.58 -3.85 -10.42
C ILE A 540 -13.52 -2.91 -10.94
N ALA A 541 -12.30 -3.01 -10.42
CA ALA A 541 -11.17 -2.35 -11.11
C ALA A 541 -9.89 -2.91 -10.59
N LEU A 542 -8.77 -2.52 -11.18
CA LEU A 542 -7.52 -2.90 -10.56
C LEU A 542 -7.06 -1.73 -9.72
N ARG A 543 -6.75 -1.97 -8.45
CA ARG A 543 -6.33 -0.86 -7.64
C ARG A 543 -4.81 -0.79 -7.73
N GLU A 544 -4.31 0.18 -8.48
CA GLU A 544 -2.87 0.28 -8.57
C GLU A 544 -2.38 1.03 -7.35
N ASP A 545 -3.30 1.68 -6.64
CA ASP A 545 -2.90 2.42 -5.46
C ASP A 545 -2.79 1.50 -4.25
N LYS A 546 -2.92 0.19 -4.51
CA LYS A 546 -2.58 -0.87 -3.56
C LYS A 546 -1.60 -1.90 -4.17
N GLY A 547 -0.60 -2.28 -3.39
CA GLY A 547 0.31 -3.35 -3.77
C GLY A 547 0.14 -4.54 -2.86
N PRO A 548 0.94 -5.60 -3.08
CA PRO A 548 0.80 -6.84 -2.31
C PRO A 548 0.66 -6.61 -0.81
N GLU A 549 1.45 -5.75 -0.17
CA GLU A 549 1.36 -5.70 1.29
C GLU A 549 0.10 -4.98 1.76
N ASP A 550 -0.64 -4.40 0.81
CA ASP A 550 -1.86 -3.64 1.09
C ASP A 550 -3.15 -4.44 0.95
N ALA A 551 -3.04 -5.62 0.35
CA ALA A 551 -4.17 -6.46 -0.02
C ALA A 551 -4.86 -7.04 1.20
N ASP A 552 -6.14 -7.38 1.05
CA ASP A 552 -6.91 -7.86 2.18
C ASP A 552 -6.37 -9.21 2.65
N THR A 553 -6.40 -9.41 3.96
CA THR A 553 -5.93 -10.66 4.50
C THR A 553 -7.06 -11.64 4.48
N VAL A 554 -6.77 -12.77 5.10
CA VAL A 554 -7.76 -13.77 5.36
C VAL A 554 -8.64 -13.35 6.54
N GLN A 555 -8.04 -12.79 7.58
CA GLN A 555 -8.82 -12.42 8.74
C GLN A 555 -9.80 -11.32 8.36
N ARG A 556 -9.39 -10.53 7.38
CA ARG A 556 -10.27 -9.56 6.74
C ARG A 556 -11.57 -10.26 6.29
N LEU A 557 -11.43 -11.23 5.39
CA LEU A 557 -12.53 -12.05 4.94
C LEU A 557 -13.40 -12.56 6.08
N ALA A 558 -12.75 -13.10 7.10
CA ALA A 558 -13.48 -13.54 8.28
C ALA A 558 -14.40 -12.44 8.80
N GLU A 559 -13.83 -11.26 8.98
CA GLU A 559 -14.59 -10.19 9.59
C GLU A 559 -15.77 -9.71 8.74
N LEU A 560 -15.55 -9.63 7.43
CA LEU A 560 -16.62 -9.22 6.53
C LEU A 560 -17.72 -10.27 6.56
N TYR A 561 -17.32 -11.54 6.63
CA TYR A 561 -18.27 -12.63 6.78
C TYR A 561 -19.11 -12.42 8.03
N GLN A 562 -18.45 -12.23 9.17
CA GLN A 562 -19.13 -11.99 10.43
C GLN A 562 -20.15 -10.84 10.32
N PHE A 563 -19.74 -9.76 9.65
CA PHE A 563 -20.64 -8.65 9.39
C PHE A 563 -21.85 -9.13 8.58
N GLN A 564 -21.61 -10.07 7.67
CA GLN A 564 -22.64 -10.54 6.75
C GLN A 564 -23.73 -11.35 7.44
N GLU A 565 -23.31 -12.34 8.22
CA GLU A 565 -24.25 -13.08 9.05
C GLU A 565 -24.94 -12.15 10.06
N ARG A 566 -24.29 -11.06 10.44
CA ARG A 566 -24.93 -10.03 11.29
C ARG A 566 -25.96 -9.20 10.50
N LEU A 567 -25.82 -9.23 9.18
CA LEU A 567 -26.74 -8.55 8.27
C LEU A 567 -27.78 -9.53 7.73
N LYS A 568 -27.67 -10.75 8.24
CA LYS A 568 -28.76 -11.70 8.17
C LYS A 568 -29.52 -11.51 9.49
N GLY A 569 -28.85 -11.84 10.60
CA GLY A 569 -29.39 -11.66 11.93
C GLY A 569 -29.97 -10.28 12.21
N GLY A 570 -29.28 -9.22 11.79
CA GLY A 570 -29.70 -7.87 12.10
C GLY A 570 -30.72 -7.29 11.14
N ARG A 571 -31.02 -8.04 10.07
CA ARG A 571 -31.95 -7.57 9.05
C ARG A 571 -33.39 -7.97 9.38
P AMP B . -10.09 0.92 4.48
O1P AMP B . -9.67 -0.23 5.37
O2P AMP B . -11.49 0.89 3.92
O3P AMP B . -9.10 1.02 3.33
O5' AMP B . -9.84 2.30 5.23
C5' AMP B . -10.75 3.39 5.11
C4' AMP B . -10.79 3.92 3.70
O4' AMP B . -11.91 4.81 3.54
C3' AMP B . -9.60 4.78 3.29
O3' AMP B . -8.46 4.01 2.94
C2' AMP B . -10.17 5.61 2.12
O2' AMP B . -10.02 4.92 0.89
C1' AMP B . -11.67 5.69 2.46
N9 AMP B . -12.10 7.04 2.84
C8 AMP B . -12.72 7.89 2.02
N7 AMP B . -13.02 9.06 2.64
C5 AMP B . -12.59 8.97 3.91
C6 AMP B . -12.58 9.86 5.10
N6 AMP B . -13.12 11.10 5.06
N1 AMP B . -12.02 9.38 6.22
C2 AMP B . -11.48 8.14 6.27
N3 AMP B . -11.44 7.28 5.23
C4 AMP B . -11.98 7.63 4.03
#